data_6VCO
#
_entry.id   6VCO
#
_cell.length_a   79.140
_cell.length_b   38.955
_cell.length_c   57.734
_cell.angle_alpha   90.000
_cell.angle_beta   100.064
_cell.angle_gamma   90.000
#
_symmetry.space_group_name_H-M   'C 1 2 1'
#
loop_
_entity.id
_entity.type
_entity.pdbx_description
1 polymer 'RNA pyrophosphohydrolase'
2 non-polymer 'DIPHOSPHOMETHYLPHOSPHONIC ACID ADENOSYL ESTER'
3 water water
#
_entity_poly.entity_id   1
_entity_poly.type   'polypeptide(L)'
_entity_poly.pdbx_seq_one_letter_code
;SMIDDDGYRPNVGIVICNRQGQVMWARRFGQHSWQFPQGGINPGESAEQAMYRELFEEVGLSRKDVRILASTRNWLRYKL
PKRLVRWDTKPVCIGQKQKWFLLQLVSGDAEINMQTSSTPEFDGWRWVSYWYPVRQVVSFKRDVYRRVMKEFASVVMSLA
A
;
_entity_poly.pdbx_strand_id   A
#
loop_
_chem_comp.id
_chem_comp.type
_chem_comp.name
_chem_comp.formula
APC non-polymer 'DIPHOSPHOMETHYLPHOSPHONIC ACID ADENOSYL ESTER' 'C11 H18 N5 O12 P3'
#
# COMPACT_ATOMS: atom_id res chain seq x y z
N SER A 1 -8.76 -9.47 7.82
CA SER A 1 -9.96 -8.71 7.37
C SER A 1 -11.13 -9.64 7.06
N MET A 2 -12.34 -9.16 7.32
CA MET A 2 -13.53 -9.97 7.06
C MET A 2 -14.12 -9.58 5.72
N ILE A 3 -14.53 -10.59 4.95
CA ILE A 3 -15.05 -10.36 3.61
C ILE A 3 -16.46 -9.82 3.69
N ASP A 4 -16.75 -8.80 2.88
CA ASP A 4 -18.08 -8.20 2.93
C ASP A 4 -19.09 -8.95 2.06
N ASP A 5 -20.29 -8.39 1.98
CA ASP A 5 -21.43 -8.98 1.29
C ASP A 5 -21.11 -9.34 -0.17
N ASP A 6 -20.33 -8.49 -0.83
CA ASP A 6 -20.07 -8.63 -2.24
C ASP A 6 -18.81 -9.43 -2.54
N GLY A 7 -18.14 -9.88 -1.50
CA GLY A 7 -16.93 -10.64 -1.66
C GLY A 7 -15.66 -9.82 -1.65
N TYR A 8 -15.72 -8.54 -1.28
CA TYR A 8 -14.56 -7.66 -1.21
C TYR A 8 -14.09 -7.51 0.24
N ARG A 9 -12.77 -7.70 0.47
CA ARG A 9 -12.22 -7.45 1.79
C ARG A 9 -11.73 -6.01 1.85
N PRO A 10 -12.07 -5.27 2.90
CA PRO A 10 -11.55 -3.91 3.07
C PRO A 10 -10.07 -3.92 3.40
N ASN A 11 -9.30 -3.07 2.70
CA ASN A 11 -7.85 -2.99 2.87
C ASN A 11 -7.41 -1.53 2.79
N VAL A 12 -6.17 -1.28 3.24
CA VAL A 12 -5.53 0.03 3.08
C VAL A 12 -4.26 -0.17 2.27
N GLY A 13 -3.91 0.82 1.45
CA GLY A 13 -2.64 0.84 0.73
C GLY A 13 -1.85 2.08 1.14
N ILE A 14 -0.52 1.98 1.03
CA ILE A 14 0.38 3.04 1.52
C ILE A 14 1.40 3.44 0.46
N VAL A 15 1.40 4.71 0.05
CA VAL A 15 2.42 5.28 -0.83
C VAL A 15 3.28 6.16 0.07
N ILE A 16 4.52 5.78 0.27
CA ILE A 16 5.45 6.58 1.06
C ILE A 16 6.39 7.28 0.10
N CYS A 17 6.47 8.61 0.21
CA CYS A 17 7.36 9.37 -0.65
C CYS A 17 8.46 10.08 0.13
N ASN A 18 9.49 10.51 -0.61
CA ASN A 18 10.50 11.42 -0.07
C ASN A 18 10.42 12.77 -0.77
N ARG A 19 11.49 13.57 -0.65
CA ARG A 19 11.52 14.90 -1.24
C ARG A 19 12.26 14.93 -2.57
N GLN A 20 12.50 13.79 -3.19
CA GLN A 20 13.23 13.70 -4.45
C GLN A 20 12.34 13.17 -5.57
N GLY A 21 11.02 13.27 -5.41
CA GLY A 21 10.13 12.70 -6.40
C GLY A 21 10.13 11.19 -6.43
N GLN A 22 10.38 10.52 -5.29
CA GLN A 22 10.47 9.07 -5.24
C GLN A 22 9.45 8.50 -4.26
N VAL A 23 9.12 7.22 -4.48
CA VAL A 23 8.21 6.48 -3.62
C VAL A 23 8.86 5.16 -3.27
N MET A 24 8.46 4.63 -2.12
CA MET A 24 8.99 3.39 -1.58
C MET A 24 8.34 2.21 -2.28
N TRP A 25 9.16 1.37 -2.93
CA TRP A 25 8.72 0.23 -3.72
C TRP A 25 9.27 -1.04 -3.09
N ALA A 26 8.41 -2.03 -2.83
CA ALA A 26 8.82 -3.17 -2.02
C ALA A 26 8.59 -4.52 -2.73
N ARG A 27 9.55 -5.44 -2.54
CA ARG A 27 9.51 -6.70 -3.26
C ARG A 27 8.69 -7.73 -2.47
N ARG A 28 7.65 -8.29 -3.10
CA ARG A 28 6.81 -9.26 -2.40
C ARG A 28 7.67 -10.43 -1.93
N PHE A 29 7.42 -10.89 -0.72
CA PHE A 29 8.26 -11.86 -0.05
C PHE A 29 8.41 -13.11 -0.92
N GLY A 30 9.65 -13.42 -1.28
CA GLY A 30 9.92 -14.63 -2.05
C GLY A 30 9.53 -14.60 -3.49
N GLN A 31 9.34 -13.41 -4.06
CA GLN A 31 8.87 -13.20 -5.43
C GLN A 31 9.80 -12.19 -6.12
N HIS A 32 9.57 -11.98 -7.42
CA HIS A 32 10.25 -10.92 -8.14
C HIS A 32 9.24 -9.88 -8.60
N SER A 33 8.07 -9.87 -7.95
CA SER A 33 7.02 -8.89 -8.17
C SER A 33 7.02 -7.89 -7.02
N TRP A 34 6.71 -6.64 -7.34
CA TRP A 34 6.85 -5.56 -6.39
C TRP A 34 5.52 -4.81 -6.27
N GLN A 35 5.36 -4.12 -5.16
CA GLN A 35 4.12 -3.43 -4.86
C GLN A 35 4.33 -2.46 -3.70
N PHE A 36 3.30 -1.65 -3.45
CA PHE A 36 3.20 -0.84 -2.25
C PHE A 36 2.65 -1.65 -1.07
N PRO A 37 2.99 -1.28 0.17
CA PRO A 37 2.37 -1.92 1.33
C PRO A 37 0.85 -1.86 1.27
N GLN A 38 0.21 -3.00 1.56
CA GLN A 38 -1.24 -3.03 1.71
C GLN A 38 -1.65 -4.04 2.77
N GLY A 39 -2.68 -3.70 3.54
CA GLY A 39 -3.05 -4.53 4.67
C GLY A 39 -4.52 -4.46 4.94
N GLY A 40 -5.00 -5.48 5.63
CA GLY A 40 -6.41 -5.54 5.94
C GLY A 40 -6.86 -4.66 7.08
N ILE A 41 -8.18 -4.50 7.18
CA ILE A 41 -8.81 -3.72 8.25
C ILE A 41 -9.49 -4.71 9.17
N ASN A 42 -9.09 -4.73 10.43
CA ASN A 42 -9.76 -5.62 11.36
C ASN A 42 -11.08 -4.99 11.82
N PRO A 43 -12.04 -5.81 12.27
CA PRO A 43 -13.27 -5.23 12.83
C PRO A 43 -12.97 -4.24 13.95
N GLY A 44 -13.68 -3.14 13.94
CA GLY A 44 -13.44 -2.07 14.87
C GLY A 44 -12.37 -1.07 14.45
N GLU A 45 -11.43 -1.49 13.59
CA GLU A 45 -10.39 -0.59 13.14
C GLU A 45 -10.91 0.45 12.15
N SER A 46 -10.44 1.68 12.29
CA SER A 46 -10.62 2.66 11.24
C SER A 46 -9.58 2.40 10.16
N ALA A 47 -9.79 3.01 8.99
CA ALA A 47 -8.79 2.92 7.93
C ALA A 47 -7.45 3.47 8.41
N GLU A 48 -7.47 4.60 9.11
CA GLU A 48 -6.20 5.19 9.51
C GLU A 48 -5.49 4.29 10.51
N GLN A 49 -6.24 3.68 11.45
CA GLN A 49 -5.66 2.73 12.40
C GLN A 49 -5.08 1.52 11.69
N ALA A 50 -5.82 0.95 10.76
CA ALA A 50 -5.31 -0.16 9.96
C ALA A 50 -4.03 0.23 9.21
N MET A 51 -3.99 1.44 8.65
CA MET A 51 -2.78 1.90 7.95
C MET A 51 -1.58 1.95 8.90
N TYR A 52 -1.76 2.52 10.10
CA TYR A 52 -0.63 2.58 11.02
C TYR A 52 -0.23 1.20 11.55
N ARG A 53 -1.18 0.26 11.61
CA ARG A 53 -0.83 -1.11 12.00
C ARG A 53 0.01 -1.75 10.90
N GLU A 54 -0.41 -1.59 9.64
CA GLU A 54 0.37 -2.09 8.50
C GLU A 54 1.75 -1.43 8.49
N LEU A 55 1.79 -0.13 8.74
CA LEU A 55 3.07 0.57 8.75
C LEU A 55 4.00 -0.02 9.79
N PHE A 56 3.49 -0.31 10.99
CA PHE A 56 4.32 -0.88 12.03
C PHE A 56 4.73 -2.32 11.70
N GLU A 57 3.73 -3.14 11.35
CA GLU A 57 3.96 -4.57 11.29
C GLU A 57 4.85 -4.94 10.11
N GLU A 58 4.67 -4.27 8.96
CA GLU A 58 5.43 -4.68 7.78
C GLU A 58 6.47 -3.69 7.29
N VAL A 59 6.41 -2.44 7.75
CA VAL A 59 7.42 -1.45 7.39
C VAL A 59 8.27 -1.03 8.59
N GLY A 60 7.86 -1.38 9.84
CA GLY A 60 8.62 -1.13 11.04
C GLY A 60 8.54 0.29 11.59
N LEU A 61 7.64 1.10 11.06
CA LEU A 61 7.62 2.52 11.33
C LEU A 61 6.49 2.91 12.27
N SER A 62 6.69 4.06 12.89
CA SER A 62 5.71 4.68 13.79
C SER A 62 5.00 5.85 13.13
N ARG A 63 3.86 6.25 13.71
CA ARG A 63 3.31 7.55 13.32
C ARG A 63 4.41 8.59 13.26
N LYS A 64 5.34 8.51 14.22
CA LYS A 64 6.27 9.63 14.41
C LYS A 64 7.27 9.74 13.27
N ASP A 65 7.34 8.72 12.43
CA ASP A 65 8.30 8.69 11.35
C ASP A 65 7.75 9.26 10.07
N VAL A 66 6.46 9.53 9.98
CA VAL A 66 5.82 9.93 8.74
C VAL A 66 4.92 11.14 9.00
N ARG A 67 4.47 11.76 7.91
CA ARG A 67 3.29 12.60 8.01
C ARG A 67 2.32 12.25 6.89
N ILE A 68 1.04 12.24 7.23
CA ILE A 68 -0.01 11.95 6.26
C ILE A 68 -0.22 13.21 5.43
N LEU A 69 -0.02 13.10 4.13
CA LEU A 69 -0.19 14.22 3.21
C LEU A 69 -1.52 14.18 2.46
N ALA A 70 -2.10 13.00 2.29
CA ALA A 70 -3.34 12.86 1.54
C ALA A 70 -3.88 11.46 1.79
N SER A 71 -5.15 11.28 1.41
CA SER A 71 -5.96 10.07 1.57
C SER A 71 -6.89 10.03 0.37
N THR A 72 -7.16 8.86 -0.18
CA THR A 72 -8.25 8.77 -1.18
C THR A 72 -9.60 8.77 -0.48
N ARG A 73 -10.62 9.28 -1.19
CA ARG A 73 -11.92 9.53 -0.57
C ARG A 73 -12.73 8.25 -0.40
N ASN A 74 -12.92 7.50 -1.49
CA ASN A 74 -13.81 6.36 -1.49
C ASN A 74 -13.01 5.09 -1.69
N TRP A 75 -13.70 3.96 -1.49
CA TRP A 75 -13.12 2.65 -1.80
C TRP A 75 -12.74 2.61 -3.28
N LEU A 76 -11.54 2.13 -3.58
CA LEU A 76 -11.15 1.72 -4.93
C LEU A 76 -11.01 0.20 -4.96
N ARG A 77 -11.62 -0.45 -5.95
CA ARG A 77 -11.77 -1.89 -5.95
C ARG A 77 -10.94 -2.54 -7.06
N TYR A 78 -10.34 -3.69 -6.76
CA TYR A 78 -9.82 -4.55 -7.81
C TYR A 78 -10.33 -5.96 -7.60
N LYS A 79 -10.53 -6.66 -8.72
CA LYS A 79 -11.00 -8.02 -8.72
C LYS A 79 -9.84 -8.97 -8.97
N LEU A 80 -9.81 -10.05 -8.22
CA LEU A 80 -8.75 -11.03 -8.40
C LEU A 80 -8.95 -11.77 -9.72
N PRO A 81 -7.87 -12.11 -10.42
CA PRO A 81 -7.98 -13.09 -11.51
C PRO A 81 -8.68 -14.34 -11.01
N LYS A 82 -9.56 -14.89 -11.84
CA LYS A 82 -10.40 -16.00 -11.39
C LYS A 82 -9.54 -17.19 -10.96
N ARG A 83 -8.35 -17.31 -11.54
CA ARG A 83 -7.43 -18.39 -11.18
C ARG A 83 -6.88 -18.25 -9.77
N LEU A 84 -6.89 -17.04 -9.21
CA LEU A 84 -6.30 -16.80 -7.90
C LEU A 84 -7.31 -16.75 -6.77
N VAL A 85 -8.59 -17.00 -7.05
CA VAL A 85 -9.59 -17.01 -6.00
C VAL A 85 -9.41 -18.29 -5.18
N ARG A 86 -9.05 -18.11 -3.90
CA ARG A 86 -8.89 -19.24 -2.99
C ARG A 86 -10.26 -19.66 -2.46
N TRP A 87 -10.60 -20.93 -2.61
CA TRP A 87 -11.90 -21.41 -2.15
C TRP A 87 -11.75 -22.14 -0.81
N LYS A 90 -15.62 -20.52 1.72
CA LYS A 90 -16.49 -19.35 1.59
C LYS A 90 -17.14 -19.02 2.94
N PRO A 91 -17.40 -17.72 3.20
CA PRO A 91 -17.46 -16.64 2.19
C PRO A 91 -16.17 -16.40 1.40
N VAL A 92 -16.29 -16.48 0.05
CA VAL A 92 -15.12 -16.47 -0.82
C VAL A 92 -14.80 -15.03 -1.18
N CYS A 93 -13.51 -14.71 -1.18
CA CYS A 93 -13.06 -13.36 -1.52
C CYS A 93 -12.74 -13.26 -3.00
N ILE A 94 -13.33 -12.28 -3.68
CA ILE A 94 -13.08 -12.09 -5.10
C ILE A 94 -12.28 -10.83 -5.39
N GLY A 95 -11.93 -10.06 -4.37
CA GLY A 95 -11.21 -8.82 -4.59
C GLY A 95 -11.06 -8.02 -3.30
N GLN A 96 -10.60 -6.79 -3.47
CA GLN A 96 -10.37 -5.90 -2.34
C GLN A 96 -11.00 -4.55 -2.65
N LYS A 97 -11.53 -3.90 -1.62
CA LYS A 97 -11.83 -2.47 -1.67
C LYS A 97 -10.81 -1.76 -0.80
N GLN A 98 -10.14 -0.76 -1.36
CA GLN A 98 -8.98 -0.17 -0.70
C GLN A 98 -9.12 1.33 -0.50
N LYS A 99 -8.66 1.78 0.67
CA LYS A 99 -8.46 3.19 0.98
C LYS A 99 -6.95 3.41 1.00
N TRP A 100 -6.50 4.41 0.25
CA TRP A 100 -5.07 4.67 0.06
C TRP A 100 -4.62 5.94 0.79
N PHE A 101 -3.37 5.90 1.27
CA PHE A 101 -2.76 6.97 2.07
C PHE A 101 -1.44 7.36 1.44
N LEU A 102 -1.20 8.68 1.32
CA LEU A 102 0.09 9.20 0.90
C LEU A 102 0.82 9.70 2.14
N LEU A 103 1.97 9.11 2.44
CA LEU A 103 2.76 9.50 3.59
C LEU A 103 4.10 10.05 3.14
N GLN A 104 4.61 11.06 3.83
CA GLN A 104 5.97 11.50 3.65
C GLN A 104 6.85 10.88 4.74
N LEU A 105 7.93 10.22 4.35
CA LEU A 105 8.90 9.72 5.33
C LEU A 105 9.74 10.89 5.84
N VAL A 106 9.68 11.16 7.14
CA VAL A 106 10.50 12.21 7.71
C VAL A 106 11.63 11.69 8.59
N SER A 107 11.58 10.44 9.03
CA SER A 107 12.73 9.87 9.69
C SER A 107 13.71 9.35 8.66
N GLY A 108 14.87 8.84 9.12
CA GLY A 108 15.85 8.30 8.20
C GLY A 108 15.41 7.01 7.54
N ASP A 109 15.98 6.75 6.35
CA ASP A 109 15.71 5.49 5.64
C ASP A 109 15.94 4.27 6.51
N ALA A 110 16.94 4.34 7.40
CA ALA A 110 17.30 3.18 8.20
C ALA A 110 16.24 2.81 9.23
N GLU A 111 15.24 3.67 9.47
CA GLU A 111 14.16 3.29 10.36
C GLU A 111 13.28 2.21 9.76
N ILE A 112 13.26 2.07 8.43
CA ILE A 112 12.41 1.09 7.79
C ILE A 112 12.95 -0.30 8.10
N ASN A 113 12.09 -1.17 8.60
CA ASN A 113 12.43 -2.56 8.88
C ASN A 113 11.28 -3.43 8.36
N MET A 114 11.53 -4.17 7.30
CA MET A 114 10.55 -5.03 6.65
C MET A 114 10.65 -6.49 7.09
N GLN A 115 11.50 -6.80 8.06
CA GLN A 115 11.81 -8.18 8.40
C GLN A 115 11.33 -8.58 9.78
N THR A 116 10.41 -7.81 10.41
CA THR A 116 10.06 -8.13 11.79
C THR A 116 8.98 -9.21 11.92
N SER A 117 8.21 -9.51 10.88
CA SER A 117 7.21 -10.56 10.99
C SER A 117 7.84 -11.93 10.78
N SER A 118 7.20 -12.96 11.36
CA SER A 118 7.61 -14.32 11.04
C SER A 118 7.28 -14.70 9.61
N THR A 119 6.36 -13.98 8.97
CA THR A 119 6.05 -14.16 7.56
C THR A 119 5.94 -12.76 6.95
N PRO A 120 7.06 -12.14 6.56
CA PRO A 120 6.99 -10.77 6.02
C PRO A 120 6.16 -10.66 4.75
N GLU A 121 5.55 -9.48 4.61
CA GLU A 121 4.94 -9.10 3.36
C GLU A 121 6.00 -8.96 2.30
N PHE A 122 7.14 -8.40 2.68
CA PHE A 122 8.18 -8.01 1.76
C PHE A 122 9.56 -8.53 2.18
N ASP A 123 10.42 -8.76 1.17
CA ASP A 123 11.84 -8.99 1.43
C ASP A 123 12.57 -7.70 1.78
N GLY A 124 12.21 -6.59 1.14
CA GLY A 124 12.91 -5.33 1.29
C GLY A 124 12.34 -4.35 0.28
N TRP A 125 12.97 -3.19 0.18
CA TRP A 125 12.43 -2.09 -0.59
C TRP A 125 13.54 -1.30 -1.27
N ARG A 126 13.11 -0.40 -2.16
CA ARG A 126 13.99 0.60 -2.77
C ARG A 126 13.16 1.81 -3.19
N TRP A 127 13.84 2.96 -3.32
CA TRP A 127 13.22 4.15 -3.91
C TRP A 127 13.13 4.02 -5.42
N VAL A 128 11.99 4.41 -5.97
CA VAL A 128 11.81 4.46 -7.43
C VAL A 128 11.18 5.80 -7.81
N SER A 129 11.29 6.14 -9.07
CA SER A 129 10.65 7.36 -9.57
C SER A 129 9.14 7.21 -9.42
N TYR A 130 8.50 8.34 -9.33
CA TYR A 130 7.11 8.38 -8.92
C TYR A 130 6.17 7.56 -9.75
N TRP A 131 6.35 7.57 -11.06
CA TRP A 131 5.38 6.91 -11.93
C TRP A 131 5.76 5.47 -12.22
N TYR A 132 6.95 5.02 -11.80
CA TYR A 132 7.40 3.67 -12.11
C TYR A 132 6.42 2.60 -11.63
N PRO A 133 5.75 2.76 -10.48
CA PRO A 133 4.82 1.72 -10.02
C PRO A 133 3.67 1.41 -10.97
N VAL A 134 3.14 2.40 -11.69
CA VAL A 134 1.96 2.13 -12.49
C VAL A 134 2.26 1.09 -13.56
N ARG A 135 3.41 1.21 -14.21
CA ARG A 135 3.72 0.24 -15.25
C ARG A 135 4.30 -1.05 -14.71
N GLN A 136 4.75 -1.10 -13.46
CA GLN A 136 5.43 -2.28 -12.94
C GLN A 136 4.57 -3.16 -12.06
N VAL A 137 3.45 -2.67 -11.55
CA VAL A 137 2.61 -3.51 -10.70
C VAL A 137 1.87 -4.53 -11.57
N VAL A 138 1.50 -5.66 -10.94
CA VAL A 138 0.74 -6.71 -11.62
C VAL A 138 -0.49 -6.10 -12.28
N SER A 139 -0.86 -6.63 -13.45
CA SER A 139 -1.84 -5.94 -14.28
C SER A 139 -3.20 -5.82 -13.59
N PHE A 140 -3.61 -6.80 -12.79
CA PHE A 140 -4.95 -6.66 -12.20
C PHE A 140 -5.05 -5.53 -11.17
N LYS A 141 -3.93 -4.95 -10.74
CA LYS A 141 -3.97 -3.80 -9.85
C LYS A 141 -3.66 -2.48 -10.55
N ARG A 142 -3.36 -2.54 -11.85
CA ARG A 142 -2.86 -1.36 -12.56
C ARG A 142 -3.89 -0.26 -12.60
N ASP A 143 -5.17 -0.59 -12.76
CA ASP A 143 -6.17 0.47 -12.83
C ASP A 143 -6.27 1.19 -11.49
N VAL A 144 -6.27 0.43 -10.39
CA VAL A 144 -6.26 1.06 -9.08
C VAL A 144 -5.02 1.93 -8.92
N TYR A 145 -3.84 1.39 -9.31
CA TYR A 145 -2.60 2.14 -9.12
C TYR A 145 -2.62 3.42 -9.96
N ARG A 146 -3.09 3.36 -11.21
CA ARG A 146 -3.10 4.56 -12.01
C ARG A 146 -3.93 5.63 -11.35
N ARG A 147 -5.07 5.25 -10.77
CA ARG A 147 -5.96 6.25 -10.17
C ARG A 147 -5.35 6.85 -8.90
N VAL A 148 -4.79 5.99 -8.04
CA VAL A 148 -4.13 6.47 -6.83
C VAL A 148 -2.98 7.41 -7.18
N MET A 149 -2.11 7.01 -8.11
CA MET A 149 -0.93 7.81 -8.38
C MET A 149 -1.33 9.12 -9.04
N LYS A 150 -2.42 9.12 -9.81
CA LYS A 150 -2.91 10.38 -10.36
C LYS A 150 -3.45 11.27 -9.25
N GLU A 151 -4.22 10.70 -8.32
CA GLU A 151 -4.75 11.49 -7.23
C GLU A 151 -3.64 12.09 -6.39
N PHE A 152 -2.51 11.39 -6.23
CA PHE A 152 -1.46 11.87 -5.32
C PHE A 152 -0.38 12.71 -6.00
N ALA A 153 -0.47 12.94 -7.32
CA ALA A 153 0.72 13.34 -8.08
C ALA A 153 1.16 14.75 -7.74
N SER A 154 0.20 15.67 -7.57
CA SER A 154 0.55 17.07 -7.35
C SER A 154 1.39 17.23 -6.09
N VAL A 155 1.02 16.51 -5.03
CA VAL A 155 1.72 16.64 -3.75
C VAL A 155 3.16 16.19 -3.91
N VAL A 156 3.38 14.98 -4.43
CA VAL A 156 4.75 14.48 -4.48
C VAL A 156 5.62 15.40 -5.32
N MET A 157 5.09 15.90 -6.44
CA MET A 157 5.92 16.70 -7.35
C MET A 157 6.30 18.04 -6.74
N SER A 158 5.40 18.65 -5.97
CA SER A 158 5.71 19.91 -5.29
C SER A 158 6.85 19.74 -4.29
N LEU A 159 6.84 18.64 -3.53
CA LEU A 159 7.95 18.37 -2.62
C LEU A 159 9.25 18.21 -3.37
N ALA A 160 9.19 17.78 -4.63
CA ALA A 160 10.40 17.40 -5.35
C ALA A 160 11.15 18.59 -5.95
N ALA A 161 10.55 19.77 -5.91
CA ALA A 161 11.10 20.97 -6.54
C ALA A 161 12.23 21.63 -5.74
PG APC B . -3.19 -11.13 2.19
O1G APC B . -3.20 -9.80 2.95
O2G APC B . -4.50 -11.32 1.46
O3G APC B . -2.95 -12.36 3.12
PB APC B . -2.11 -11.22 -0.51
O1B APC B . -0.76 -10.85 -1.10
O2B APC B . -2.48 -12.68 -0.92
O3B APC B . -2.05 -11.08 1.07
PA APC B . -3.34 -9.61 -2.88
O1A APC B . -4.69 -9.14 -3.34
O2A APC B . -2.19 -8.60 -3.08
C3A APC B . -3.51 -10.07 -1.10
O5' APC B . -2.95 -10.93 -3.66
C5' APC B . -3.96 -12.00 -3.89
C4' APC B . -3.24 -13.08 -4.65
O4' APC B . -2.77 -12.44 -5.86
C3' APC B . -2.01 -13.54 -3.96
O3' APC B . -2.13 -14.88 -3.46
C2' APC B . -0.95 -13.42 -5.08
O2' APC B . -0.40 -14.70 -5.38
C1' APC B . -1.48 -12.91 -6.17
N9 APC B . -0.61 -11.81 -6.59
C8 APC B . -0.57 -10.56 -6.04
N7 APC B . 0.34 -9.75 -6.62
C5 APC B . 0.89 -10.57 -7.61
C6 APC B . 1.90 -10.33 -8.54
N6 APC B . 2.50 -9.13 -8.63
N1 APC B . 2.26 -11.23 -9.38
C2 APC B . 1.64 -12.42 -9.29
N3 APC B . 0.70 -12.76 -8.46
C4 APC B . 0.29 -11.82 -7.58
H3A1 APC B . -4.36 -10.52 -0.98
H3A2 APC B . -3.49 -9.26 -0.57
H5'1 APC B . -4.71 -11.65 -4.41
H5'2 APC B . -4.29 -12.34 -3.04
H4' APC B . -3.80 -13.86 -4.80
H3' APC B . -1.80 -12.99 -3.20
HO3' APC B . -1.76 -14.90 -2.68
H2' APC B . -0.30 -12.77 -4.78
HO2' APC B . 0.31 -14.82 -4.98
H1' APC B . -1.57 -13.60 -6.86
H8 APC B . -1.12 -10.30 -5.34
HN61 APC B . 2.96 -8.95 -9.39
HN62 APC B . 2.36 -8.59 -8.00
H2 APC B . 1.91 -13.09 -9.92
#